data_6W0W
#
_entry.id   6W0W
#
_cell.length_a   83.190
_cell.length_b   85.250
_cell.length_c   139.470
_cell.angle_alpha   90.000
_cell.angle_beta   90.000
_cell.angle_gamma   90.000
#
_symmetry.space_group_name_H-M   'P 21 21 21'
#
loop_
_entity.id
_entity.type
_entity.pdbx_description
1 polymer Ketohexokinase
2 non-polymer 6-[(3~{R},4~{S})-3,4-bis(oxidanyl)pyrrolidin-1-yl]-2-[(2~{S},3~{R})-2-methyl-3-oxidanyl-azetidin-1-yl]-4-(trifluoromethyl)pyridine-3-carbonitrile
3 non-polymer 'SULFATE ION'
4 water water
#
_entity_poly.entity_id   1
_entity_poly.type   'polypeptide(L)'
_entity_poly.pdbx_seq_one_letter_code
;MGSSHHHHHHSSGLVPRGSQILCVGLVVLDVISLVDKYPKEDSEIRCLSQRWQRGGNASNSCTVLSLLGAPCAFMGSMAP
GHVADFLVADFRRRGVDVSQVAWQSKGDTPSSCCIINNSNGNRTIVLHDTSLPDVSATDFEKVDLTQFKWIHIEGRNASE
QVKMLQRIDAHNTRQPPEQKIRVSVEVEKPREELFQLFGYGDVVFVSKDVAKHLGFQSAEEALRGLYGRVRKGAVLVCAW
AEEGADALGPDGKLLHSDAFPPPRVVDTLGAGDTFNASVIFSLSQGRSVQEALRFGCQVAGKKCGLQGFDGIV
;
_entity_poly.pdbx_strand_id   A,B
#
# COMPACT_ATOMS: atom_id res chain seq x y z
N GLY A 18 28.62 27.19 9.06
CA GLY A 18 27.56 26.23 8.76
C GLY A 18 26.22 26.49 9.40
N SER A 19 25.14 26.31 8.62
CA SER A 19 23.77 26.58 9.06
C SER A 19 22.85 25.36 9.02
N GLN A 20 23.06 24.46 8.06
CA GLN A 20 22.19 23.30 7.87
C GLN A 20 22.48 22.12 8.78
N ILE A 21 21.45 21.25 8.95
CA ILE A 21 21.54 19.98 9.66
C ILE A 21 21.36 18.89 8.60
N LEU A 22 22.37 18.04 8.43
CA LEU A 22 22.32 16.98 7.44
C LEU A 22 21.92 15.66 8.06
N CYS A 23 20.95 14.97 7.44
CA CYS A 23 20.53 13.65 7.89
C CYS A 23 20.82 12.67 6.77
N VAL A 24 21.69 11.71 7.07
CA VAL A 24 22.15 10.68 6.15
C VAL A 24 21.48 9.35 6.53
N GLY A 25 20.72 8.77 5.58
CA GLY A 25 20.00 7.52 5.80
C GLY A 25 18.95 7.18 4.76
N LEU A 26 17.82 6.63 5.21
CA LEU A 26 16.78 6.16 4.31
C LEU A 26 15.56 7.05 4.12
N VAL A 27 14.92 6.88 2.94
CA VAL A 27 13.63 7.45 2.53
C VAL A 27 12.81 6.30 1.95
N VAL A 28 11.65 6.07 2.56
CA VAL A 28 10.74 4.96 2.28
C VAL A 28 9.31 5.47 2.12
N LEU A 29 8.53 4.91 1.19
CA LEU A 29 7.12 5.28 1.02
C LEU A 29 6.31 4.43 2.00
N ASP A 30 5.70 5.08 2.99
CA ASP A 30 4.86 4.38 3.96
C ASP A 30 3.40 4.35 3.48
N VAL A 31 2.95 3.18 3.09
CA VAL A 31 1.58 2.92 2.63
C VAL A 31 0.80 2.45 3.89
N ILE A 32 0.30 3.44 4.64
CA ILE A 32 -0.38 3.35 5.94
C ILE A 32 -1.88 3.04 5.87
N SER A 33 -2.34 2.16 6.76
CA SER A 33 -3.72 1.78 7.01
C SER A 33 -3.98 1.94 8.50
N LEU A 34 -5.09 2.57 8.84
CA LEU A 34 -5.48 2.79 10.22
C LEU A 34 -6.59 1.82 10.57
N VAL A 35 -6.36 0.99 11.62
CA VAL A 35 -7.31 -0.05 12.05
C VAL A 35 -7.81 0.21 13.49
N ASP A 36 -9.01 -0.26 13.86
CA ASP A 36 -9.43 -0.07 15.27
C ASP A 36 -8.81 -1.15 16.17
N LYS A 37 -8.62 -2.35 15.62
CA LYS A 37 -7.94 -3.47 16.26
C LYS A 37 -7.07 -4.20 15.24
N TYR A 38 -5.84 -4.56 15.65
CA TYR A 38 -4.85 -5.29 14.84
C TYR A 38 -5.46 -6.59 14.27
N PRO A 39 -5.25 -6.94 12.98
CA PRO A 39 -5.89 -8.14 12.45
C PRO A 39 -5.26 -9.44 12.91
N LYS A 40 -6.11 -10.45 13.10
CA LYS A 40 -5.77 -11.81 13.48
C LYS A 40 -5.36 -12.59 12.20
N GLU A 41 -4.20 -13.31 12.22
CA GLU A 41 -3.73 -14.07 11.06
C GLU A 41 -4.89 -14.82 10.39
N ASP A 42 -5.03 -14.65 9.06
CA ASP A 42 -6.04 -15.21 8.15
C ASP A 42 -7.40 -14.45 8.14
N SER A 43 -7.50 -13.31 8.88
CA SER A 43 -8.74 -12.51 8.89
C SER A 43 -8.88 -11.53 7.70
N GLU A 44 -9.99 -10.75 7.70
CA GLU A 44 -10.32 -9.70 6.72
C GLU A 44 -10.93 -8.46 7.43
N ILE A 45 -10.07 -7.64 8.04
CA ILE A 45 -10.54 -6.41 8.69
C ILE A 45 -10.67 -5.35 7.57
N ARG A 46 -11.51 -4.34 7.78
CA ARG A 46 -11.65 -3.20 6.86
C ARG A 46 -11.13 -2.00 7.60
N CYS A 47 -10.16 -1.29 7.00
CA CYS A 47 -9.51 -0.17 7.68
C CYS A 47 -10.37 1.10 7.75
N LEU A 48 -10.08 1.94 8.78
CA LEU A 48 -10.72 3.22 9.05
C LEU A 48 -10.35 4.21 7.97
N SER A 49 -9.03 4.37 7.70
CA SER A 49 -8.48 5.28 6.68
C SER A 49 -7.13 4.81 6.11
N GLN A 50 -6.77 5.37 4.95
CA GLN A 50 -5.50 5.07 4.30
C GLN A 50 -4.78 6.40 4.03
N ARG A 51 -3.43 6.39 4.00
CA ARG A 51 -2.59 7.52 3.65
C ARG A 51 -1.21 7.09 3.15
N TRP A 52 -0.62 7.93 2.32
CA TRP A 52 0.75 7.77 1.89
C TRP A 52 1.48 8.83 2.68
N GLN A 53 2.55 8.42 3.34
CA GLN A 53 3.38 9.27 4.15
C GLN A 53 4.82 8.95 3.78
N ARG A 54 5.69 9.97 3.72
CA ARG A 54 7.10 9.74 3.42
C ARG A 54 7.72 9.28 4.74
N GLY A 55 8.51 8.21 4.68
CA GLY A 55 9.13 7.60 5.85
C GLY A 55 10.63 7.40 5.82
N GLY A 56 11.11 6.44 6.61
CA GLY A 56 12.54 6.21 6.80
C GLY A 56 13.07 7.08 7.92
N ASN A 57 14.03 6.57 8.71
CA ASN A 57 14.55 7.28 9.89
C ASN A 57 15.19 8.65 9.56
N ALA A 58 16.20 8.71 8.67
CA ALA A 58 16.80 10.01 8.35
C ALA A 58 15.78 10.98 7.71
N SER A 59 14.84 10.41 6.94
CA SER A 59 13.77 11.14 6.29
C SER A 59 12.79 11.75 7.29
N ASN A 60 12.35 10.97 8.32
CA ASN A 60 11.41 11.44 9.34
C ASN A 60 12.02 12.52 10.23
N SER A 61 13.32 12.36 10.55
CA SER A 61 14.10 13.35 11.33
C SER A 61 14.20 14.67 10.56
N CYS A 62 14.24 14.61 9.21
CA CYS A 62 14.24 15.82 8.37
C CYS A 62 12.92 16.57 8.47
N THR A 63 11.78 15.84 8.41
CA THR A 63 10.43 16.43 8.54
C THR A 63 10.33 17.22 9.83
N VAL A 64 10.72 16.58 10.95
CA VAL A 64 10.67 17.17 12.28
C VAL A 64 11.57 18.43 12.39
N LEU A 65 12.83 18.36 11.89
CA LEU A 65 13.75 19.51 11.93
C LEU A 65 13.18 20.71 11.17
N SER A 66 12.56 20.47 10.01
CA SER A 66 11.94 21.54 9.23
C SER A 66 10.80 22.16 10.04
N LEU A 67 9.94 21.33 10.67
CA LEU A 67 8.83 21.80 11.50
C LEU A 67 9.29 22.57 12.73
N LEU A 68 10.45 22.19 13.26
CA LEU A 68 11.06 22.85 14.42
C LEU A 68 11.74 24.18 14.07
N GLY A 69 11.83 24.49 12.77
CA GLY A 69 12.39 25.71 12.22
C GLY A 69 13.87 25.65 11.85
N ALA A 70 14.37 24.43 11.62
CA ALA A 70 15.78 24.21 11.32
C ALA A 70 16.05 24.01 9.85
N PRO A 71 17.01 24.75 9.28
CA PRO A 71 17.38 24.51 7.87
C PRO A 71 18.04 23.14 7.81
N CYS A 72 17.43 22.22 7.07
CA CYS A 72 17.96 20.87 6.98
C CYS A 72 18.05 20.35 5.55
N ALA A 73 18.88 19.30 5.38
CA ALA A 73 19.17 18.63 4.12
C ALA A 73 19.13 17.11 4.34
N PHE A 74 18.72 16.36 3.32
CA PHE A 74 18.65 14.91 3.36
C PHE A 74 19.63 14.29 2.34
N MET A 75 20.32 13.20 2.77
CA MET A 75 21.19 12.42 1.90
C MET A 75 20.85 10.95 2.01
N GLY A 76 20.39 10.40 0.90
CA GLY A 76 19.98 9.01 0.81
C GLY A 76 19.86 8.59 -0.64
N SER A 77 19.71 7.27 -0.85
CA SER A 77 19.56 6.74 -2.21
C SER A 77 18.11 6.79 -2.65
N MET A 78 17.90 7.15 -3.90
CA MET A 78 16.60 7.21 -4.55
C MET A 78 16.78 6.77 -5.98
N ALA A 79 15.72 6.18 -6.56
CA ALA A 79 15.69 5.72 -7.94
C ALA A 79 14.71 6.61 -8.74
N PRO A 80 15.08 7.13 -9.95
CA PRO A 80 14.13 7.97 -10.70
C PRO A 80 12.83 7.22 -11.01
N GLY A 81 11.71 7.87 -10.74
CA GLY A 81 10.40 7.26 -10.96
C GLY A 81 9.28 7.99 -10.24
N HIS A 82 8.06 7.45 -10.35
CA HIS A 82 6.86 8.06 -9.76
C HIS A 82 6.81 8.01 -8.24
N VAL A 83 7.42 6.99 -7.58
CA VAL A 83 7.49 6.92 -6.11
C VAL A 83 8.43 8.03 -5.62
N ALA A 84 9.63 8.18 -6.27
CA ALA A 84 10.63 9.22 -5.99
C ALA A 84 10.00 10.63 -6.15
N ASP A 85 9.17 10.82 -7.19
CA ASP A 85 8.49 12.09 -7.44
C ASP A 85 7.55 12.46 -6.31
N PHE A 86 6.84 11.46 -5.73
CA PHE A 86 5.98 11.72 -4.57
C PHE A 86 6.80 12.16 -3.35
N LEU A 87 7.90 11.42 -3.07
CA LEU A 87 8.82 11.64 -1.97
C LEU A 87 9.53 12.99 -2.08
N VAL A 88 10.03 13.33 -3.27
CA VAL A 88 10.73 14.59 -3.56
C VAL A 88 9.79 15.77 -3.37
N ALA A 89 8.53 15.64 -3.83
CA ALA A 89 7.53 16.70 -3.67
C ALA A 89 7.23 16.93 -2.20
N ASP A 90 7.20 15.84 -1.36
CA ASP A 90 6.97 15.92 0.08
C ASP A 90 8.16 16.57 0.77
N PHE A 91 9.39 16.15 0.40
CA PHE A 91 10.61 16.73 0.94
C PHE A 91 10.60 18.24 0.67
N ARG A 92 10.33 18.63 -0.59
CA ARG A 92 10.30 20.01 -1.07
C ARG A 92 9.23 20.89 -0.38
N ARG A 93 8.00 20.35 -0.23
CA ARG A 93 6.84 20.96 0.44
C ARG A 93 7.21 21.35 1.88
N ARG A 94 8.15 20.59 2.47
CA ARG A 94 8.65 20.77 3.82
C ARG A 94 9.87 21.69 3.88
N GLY A 95 10.49 21.91 2.73
CA GLY A 95 11.69 22.74 2.62
C GLY A 95 12.95 21.96 2.92
N VAL A 96 12.90 20.62 2.71
CA VAL A 96 14.07 19.78 2.95
C VAL A 96 14.96 19.87 1.70
N ASP A 97 16.26 20.18 1.88
CA ASP A 97 17.21 20.25 0.79
C ASP A 97 17.51 18.85 0.29
N VAL A 98 17.07 18.59 -0.92
CA VAL A 98 17.14 17.31 -1.61
C VAL A 98 18.36 17.26 -2.57
N SER A 99 19.18 18.33 -2.61
CA SER A 99 20.32 18.47 -3.53
C SER A 99 21.46 17.46 -3.29
N GLN A 100 21.46 16.76 -2.16
CA GLN A 100 22.50 15.81 -1.80
C GLN A 100 22.15 14.35 -2.12
N VAL A 101 20.91 14.08 -2.57
CA VAL A 101 20.39 12.74 -2.90
C VAL A 101 21.28 11.99 -3.89
N ALA A 102 21.62 10.72 -3.58
CA ALA A 102 22.41 9.87 -4.45
C ALA A 102 21.44 9.06 -5.33
N TRP A 103 21.16 9.58 -6.53
CA TRP A 103 20.28 8.94 -7.51
C TRP A 103 20.92 7.69 -8.10
N GLN A 104 20.20 6.55 -8.05
CA GLN A 104 20.68 5.26 -8.55
C GLN A 104 20.10 4.92 -9.94
N SER A 105 20.95 4.36 -10.83
CA SER A 105 20.47 3.97 -12.17
C SER A 105 19.78 2.62 -12.10
N LYS A 106 20.28 1.74 -11.18
CA LYS A 106 19.77 0.39 -10.94
C LYS A 106 19.09 0.29 -9.59
N GLY A 107 17.87 -0.27 -9.60
CA GLY A 107 17.04 -0.48 -8.42
C GLY A 107 15.72 0.25 -8.43
N ASP A 108 14.96 0.12 -7.32
CA ASP A 108 13.65 0.76 -7.08
C ASP A 108 13.60 1.42 -5.70
N THR A 109 12.72 2.40 -5.52
CA THR A 109 12.63 3.08 -4.23
C THR A 109 11.86 2.20 -3.21
N PRO A 110 12.43 1.95 -2.01
CA PRO A 110 11.72 1.09 -1.05
C PRO A 110 10.41 1.70 -0.55
N SER A 111 9.47 0.81 -0.19
CA SER A 111 8.14 1.14 0.33
C SER A 111 7.80 0.10 1.37
N SER A 112 6.78 0.39 2.19
CA SER A 112 6.36 -0.52 3.24
C SER A 112 4.91 -0.36 3.54
N CYS A 113 4.29 -1.47 3.96
CA CYS A 113 2.92 -1.50 4.44
C CYS A 113 2.95 -1.26 5.95
N CYS A 114 2.32 -0.18 6.42
CA CYS A 114 2.26 0.15 7.84
C CYS A 114 0.83 0.00 8.34
N ILE A 115 0.65 -0.72 9.44
CA ILE A 115 -0.65 -0.94 10.06
C ILE A 115 -0.63 -0.21 11.39
N ILE A 116 -1.41 0.89 11.49
CA ILE A 116 -1.49 1.70 12.70
C ILE A 116 -2.78 1.37 13.43
N ASN A 117 -2.64 0.91 14.68
CA ASN A 117 -3.75 0.52 15.53
C ASN A 117 -4.23 1.77 16.24
N ASN A 118 -5.48 2.21 15.99
CA ASN A 118 -6.02 3.44 16.57
C ASN A 118 -6.34 3.33 18.06
N SER A 119 -6.57 2.10 18.55
CA SER A 119 -6.86 1.89 19.96
C SER A 119 -5.64 2.02 20.89
N ASN A 120 -4.40 1.98 20.35
CA ASN A 120 -3.19 2.08 21.17
C ASN A 120 -2.01 2.81 20.49
N GLY A 121 -2.16 3.15 19.21
CA GLY A 121 -1.18 3.87 18.43
C GLY A 121 -0.02 3.04 17.92
N ASN A 122 -0.06 1.71 18.13
CA ASN A 122 1.01 0.80 17.71
C ASN A 122 1.14 0.69 16.21
N ARG A 123 2.39 0.73 15.73
CA ARG A 123 2.69 0.70 14.32
C ARG A 123 3.44 -0.60 13.95
N THR A 124 2.87 -1.37 13.02
CA THR A 124 3.41 -2.63 12.52
C THR A 124 3.82 -2.41 11.07
N ILE A 125 5.13 -2.58 10.77
CA ILE A 125 5.72 -2.35 9.44
C ILE A 125 6.18 -3.61 8.72
N VAL A 126 5.75 -3.77 7.47
CA VAL A 126 6.18 -4.85 6.60
C VAL A 126 6.99 -4.12 5.52
N LEU A 127 8.32 -4.05 5.70
CA LEU A 127 9.19 -3.31 4.78
C LEU A 127 9.65 -4.13 3.58
N HIS A 128 9.71 -3.47 2.41
CA HIS A 128 10.20 -4.04 1.17
C HIS A 128 11.54 -3.34 0.86
N ASP A 129 12.66 -4.01 1.17
CA ASP A 129 13.98 -3.43 0.90
C ASP A 129 14.47 -3.88 -0.47
N THR A 130 14.21 -3.00 -1.43
CA THR A 130 14.45 -3.05 -2.87
C THR A 130 15.86 -3.42 -3.29
N SER A 131 16.80 -3.46 -2.32
CA SER A 131 18.23 -3.72 -2.56
C SER A 131 18.85 -2.63 -3.47
N LEU A 132 18.42 -1.38 -3.20
CA LEU A 132 18.88 -0.13 -3.81
C LEU A 132 20.25 0.04 -3.19
N PRO A 133 21.32 0.30 -3.97
CA PRO A 133 22.63 0.44 -3.31
C PRO A 133 22.61 1.59 -2.30
N ASP A 134 23.16 1.35 -1.10
CA ASP A 134 23.24 2.35 -0.04
C ASP A 134 24.22 3.48 -0.41
N VAL A 135 24.16 4.63 0.30
CA VAL A 135 25.06 5.77 0.06
C VAL A 135 26.51 5.33 0.37
N SER A 136 27.43 5.48 -0.61
CA SER A 136 28.83 5.09 -0.44
C SER A 136 29.67 6.21 0.14
N ALA A 137 30.89 5.87 0.62
CA ALA A 137 31.84 6.85 1.17
C ALA A 137 32.31 7.78 0.05
N THR A 138 32.18 7.29 -1.21
CA THR A 138 32.51 8.01 -2.44
C THR A 138 31.45 9.08 -2.71
N ASP A 139 30.16 8.75 -2.51
CA ASP A 139 29.04 9.69 -2.66
C ASP A 139 29.26 10.84 -1.67
N PHE A 140 29.60 10.48 -0.40
CA PHE A 140 29.84 11.42 0.69
C PHE A 140 31.06 12.32 0.50
N GLU A 141 32.17 11.81 -0.10
CA GLU A 141 33.37 12.63 -0.32
C GLU A 141 33.02 13.84 -1.22
N LYS A 142 32.02 13.65 -2.12
CA LYS A 142 31.57 14.68 -3.07
C LYS A 142 30.81 15.85 -2.42
N VAL A 143 30.45 15.72 -1.14
CA VAL A 143 29.70 16.75 -0.41
C VAL A 143 30.62 17.80 0.18
N ASP A 144 30.26 19.10 0.03
CA ASP A 144 31.02 20.21 0.62
C ASP A 144 30.37 20.46 1.95
N LEU A 145 31.07 20.05 3.02
CA LEU A 145 30.65 20.07 4.41
C LEU A 145 30.45 21.44 5.03
N THR A 146 31.08 22.51 4.48
CA THR A 146 30.99 23.87 5.03
C THR A 146 29.56 24.39 5.33
N GLN A 147 28.51 23.94 4.59
CA GLN A 147 27.16 24.44 4.86
C GLN A 147 26.47 23.81 6.09
N PHE A 148 27.06 22.72 6.65
CA PHE A 148 26.50 21.97 7.76
C PHE A 148 27.09 22.33 9.12
N LYS A 149 26.21 22.44 10.10
CA LYS A 149 26.34 22.81 11.52
C LYS A 149 26.47 21.52 12.37
N TRP A 150 25.80 20.47 11.85
CA TRP A 150 25.58 19.16 12.45
C TRP A 150 25.34 18.13 11.33
N ILE A 151 25.86 16.89 11.51
CA ILE A 151 25.65 15.77 10.59
C ILE A 151 25.21 14.55 11.41
N HIS A 152 24.00 14.03 11.10
CA HIS A 152 23.42 12.84 11.72
C HIS A 152 23.41 11.69 10.72
N ILE A 153 23.98 10.54 11.12
CA ILE A 153 24.07 9.33 10.31
C ILE A 153 23.29 8.17 10.94
N GLU A 154 22.30 7.65 10.20
CA GLU A 154 21.49 6.48 10.55
C GLU A 154 22.36 5.26 10.18
N GLY A 155 22.68 4.42 11.17
CA GLY A 155 23.48 3.22 10.97
C GLY A 155 22.85 2.25 10.00
N ARG A 156 23.55 1.94 8.89
CA ARG A 156 23.09 1.04 7.82
C ARG A 156 24.26 0.19 7.29
N ASN A 157 25.14 0.80 6.47
CA ASN A 157 26.34 0.21 5.89
C ASN A 157 27.54 0.73 6.68
N ALA A 158 27.71 0.15 7.89
CA ALA A 158 28.72 0.53 8.88
C ALA A 158 30.12 0.74 8.32
N SER A 159 30.67 -0.21 7.57
CA SER A 159 32.03 -0.09 6.98
C SER A 159 32.24 1.19 6.14
N GLU A 160 31.23 1.55 5.31
CA GLU A 160 31.23 2.72 4.42
C GLU A 160 30.97 4.04 5.18
N GLN A 161 30.09 4.01 6.19
CA GLN A 161 29.75 5.14 7.05
C GLN A 161 30.89 5.54 7.98
N VAL A 162 31.75 4.58 8.38
CA VAL A 162 32.92 4.83 9.23
C VAL A 162 33.91 5.71 8.46
N LYS A 163 34.01 5.48 7.13
CA LYS A 163 34.88 6.30 6.26
C LYS A 163 34.30 7.73 6.18
N MET A 164 32.94 7.87 6.12
CA MET A 164 32.26 9.18 6.09
C MET A 164 32.56 9.92 7.42
N LEU A 165 32.44 9.22 8.56
CA LEU A 165 32.68 9.78 9.89
C LEU A 165 34.13 10.25 10.05
N GLN A 166 35.09 9.47 9.53
CA GLN A 166 36.52 9.82 9.53
C GLN A 166 36.79 11.08 8.68
N ARG A 167 36.00 11.30 7.59
CA ARG A 167 36.10 12.46 6.70
C ARG A 167 35.74 13.73 7.48
N ILE A 168 34.66 13.67 8.28
CA ILE A 168 34.17 14.78 9.11
C ILE A 168 35.19 15.02 10.22
N ASP A 169 35.79 13.95 10.76
CA ASP A 169 36.81 14.06 11.81
C ASP A 169 37.98 14.84 11.26
N ALA A 170 38.45 14.47 10.05
CA ALA A 170 39.54 15.11 9.32
C ALA A 170 39.24 16.58 9.08
N HIS A 171 37.99 16.92 8.64
CA HIS A 171 37.56 18.30 8.39
C HIS A 171 37.73 19.15 9.62
N ASN A 172 37.20 18.65 10.75
CA ASN A 172 37.18 19.27 12.07
C ASN A 172 38.55 19.52 12.68
N THR A 173 39.55 18.63 12.44
CA THR A 173 40.92 18.82 12.98
C THR A 173 41.52 20.13 12.47
N ARG A 174 41.10 20.54 11.26
CA ARG A 174 41.51 21.75 10.54
C ARG A 174 40.63 22.97 10.90
N GLN A 175 39.65 22.81 11.79
CA GLN A 175 38.71 23.89 12.10
C GLN A 175 38.81 24.45 13.51
N PRO A 176 38.66 25.79 13.71
CA PRO A 176 38.61 26.35 15.07
C PRO A 176 37.38 25.81 15.83
N PRO A 177 37.41 25.67 17.19
CA PRO A 177 36.25 25.10 17.93
C PRO A 177 34.89 25.68 17.58
N GLU A 178 34.91 26.98 17.19
CA GLU A 178 33.82 27.83 16.75
C GLU A 178 33.06 27.22 15.56
N GLN A 179 33.83 26.74 14.55
CA GLN A 179 33.27 26.19 13.32
C GLN A 179 33.44 24.62 13.16
N LYS A 180 33.42 23.86 14.28
CA LYS A 180 33.48 22.39 14.25
C LYS A 180 32.08 21.82 14.00
N ILE A 181 31.95 20.86 13.06
CA ILE A 181 30.69 20.21 12.70
C ILE A 181 30.33 19.17 13.77
N ARG A 182 29.16 19.32 14.44
CA ARG A 182 28.74 18.35 15.45
C ARG A 182 28.20 17.09 14.76
N VAL A 183 28.43 15.91 15.35
CA VAL A 183 28.05 14.65 14.74
C VAL A 183 27.25 13.78 15.69
N SER A 184 26.15 13.22 15.19
CA SER A 184 25.35 12.24 15.92
C SER A 184 25.25 10.97 15.07
N VAL A 185 25.00 9.83 15.73
CA VAL A 185 24.93 8.51 15.13
C VAL A 185 23.75 7.75 15.75
N GLU A 186 23.02 6.99 14.93
CA GLU A 186 21.90 6.17 15.43
C GLU A 186 22.16 4.68 15.14
N VAL A 187 22.09 3.85 16.20
CA VAL A 187 22.24 2.38 16.14
C VAL A 187 20.85 1.84 16.57
N GLU A 188 19.96 1.63 15.58
CA GLU A 188 18.56 1.21 15.78
C GLU A 188 18.30 -0.29 15.48
N LYS A 189 19.09 -0.88 14.60
CA LYS A 189 18.95 -2.30 14.27
C LYS A 189 19.99 -3.13 15.04
N PRO A 190 19.59 -4.27 15.65
CA PRO A 190 20.57 -5.07 16.42
C PRO A 190 21.47 -5.94 15.52
N ARG A 191 22.27 -5.25 14.68
CA ARG A 191 23.20 -5.79 13.71
C ARG A 191 24.63 -5.56 14.24
N GLU A 192 25.39 -6.64 14.44
CA GLU A 192 26.76 -6.67 14.97
C GLU A 192 27.72 -5.68 14.26
N GLU A 193 27.57 -5.53 12.91
CA GLU A 193 28.37 -4.63 12.06
C GLU A 193 28.23 -3.19 12.55
N LEU A 194 26.99 -2.76 12.88
CA LEU A 194 26.67 -1.42 13.36
C LEU A 194 27.32 -1.03 14.67
N PHE A 195 27.63 -1.99 15.55
CA PHE A 195 28.18 -1.72 16.89
C PHE A 195 29.57 -1.06 16.86
N GLN A 196 30.20 -0.97 15.68
CA GLN A 196 31.49 -0.30 15.55
C GLN A 196 31.29 1.24 15.52
N LEU A 197 30.06 1.67 15.19
CA LEU A 197 29.67 3.08 15.10
C LEU A 197 29.51 3.77 16.47
N PHE A 198 29.75 3.05 17.60
CA PHE A 198 29.49 3.51 18.96
C PHE A 198 30.34 4.67 19.62
N GLY A 199 31.60 4.97 19.34
CA GLY A 199 32.52 4.60 18.28
C GLY A 199 32.95 5.93 17.71
N TYR A 200 32.00 6.58 17.05
CA TYR A 200 32.09 7.86 16.37
C TYR A 200 30.94 8.76 16.85
N GLY A 201 31.08 10.05 16.58
CA GLY A 201 30.06 11.04 16.96
C GLY A 201 30.15 11.58 18.38
N ASP A 202 29.60 12.79 18.54
CA ASP A 202 29.53 13.54 19.79
C ASP A 202 28.29 13.09 20.60
N VAL A 203 27.23 12.65 19.89
CA VAL A 203 25.97 12.12 20.42
C VAL A 203 25.69 10.77 19.74
N VAL A 204 25.52 9.72 20.55
CA VAL A 204 25.27 8.34 20.09
C VAL A 204 23.89 7.93 20.59
N PHE A 205 22.95 7.65 19.68
CA PHE A 205 21.60 7.22 20.06
C PHE A 205 21.49 5.70 19.93
N VAL A 206 21.24 5.01 21.06
CA VAL A 206 21.07 3.55 21.08
C VAL A 206 19.59 3.21 21.36
N SER A 207 19.01 2.31 20.56
CA SER A 207 17.61 1.95 20.71
C SER A 207 17.34 0.93 21.82
N LYS A 208 16.09 0.91 22.29
CA LYS A 208 15.57 -0.01 23.30
C LYS A 208 15.70 -1.44 22.76
N ASP A 209 15.44 -1.64 21.44
CA ASP A 209 15.53 -2.93 20.77
C ASP A 209 16.99 -3.43 20.74
N VAL A 210 17.94 -2.54 20.38
CA VAL A 210 19.38 -2.85 20.38
C VAL A 210 19.83 -3.17 21.81
N ALA A 211 19.40 -2.34 22.80
CA ALA A 211 19.74 -2.53 24.22
C ALA A 211 19.28 -3.86 24.78
N LYS A 212 17.98 -4.20 24.58
CA LYS A 212 17.38 -5.46 25.03
C LYS A 212 18.12 -6.67 24.40
N HIS A 213 18.45 -6.58 23.10
CA HIS A 213 19.20 -7.59 22.36
C HIS A 213 20.57 -7.89 22.98
N LEU A 214 21.21 -6.85 23.55
CA LEU A 214 22.52 -6.95 24.21
C LEU A 214 22.39 -7.40 25.69
N GLY A 215 21.14 -7.67 26.13
CA GLY A 215 20.82 -8.15 27.47
C GLY A 215 20.50 -7.13 28.54
N PHE A 216 20.29 -5.85 28.14
CA PHE A 216 19.96 -4.78 29.10
C PHE A 216 18.46 -4.65 29.27
N GLN A 217 18.00 -4.49 30.52
CA GLN A 217 16.56 -4.43 30.82
C GLN A 217 16.02 -3.03 31.14
N SER A 218 16.88 -2.00 31.14
CA SER A 218 16.52 -0.61 31.37
C SER A 218 17.50 0.30 30.62
N ALA A 219 17.12 1.58 30.41
CA ALA A 219 17.98 2.54 29.73
C ALA A 219 19.18 2.86 30.62
N GLU A 220 19.02 2.80 31.96
CA GLU A 220 20.15 3.03 32.86
C GLU A 220 21.20 1.89 32.76
N GLU A 221 20.75 0.60 32.67
CA GLU A 221 21.58 -0.60 32.48
C GLU A 221 22.35 -0.51 31.16
N ALA A 222 21.66 -0.07 30.08
CA ALA A 222 22.27 0.07 28.76
C ALA A 222 23.36 1.13 28.72
N LEU A 223 23.08 2.33 29.29
CA LEU A 223 24.03 3.43 29.30
C LEU A 223 25.28 3.13 30.14
N ARG A 224 25.11 2.42 31.25
CA ARG A 224 26.26 2.05 32.09
C ARG A 224 27.06 0.92 31.45
N GLY A 225 26.38 0.05 30.71
CA GLY A 225 27.01 -1.08 30.02
C GLY A 225 27.72 -0.74 28.72
N LEU A 226 27.16 0.20 27.93
CA LEU A 226 27.72 0.59 26.62
C LEU A 226 28.58 1.86 26.58
N TYR A 227 28.63 2.69 27.67
CA TYR A 227 29.41 3.94 27.64
C TYR A 227 30.91 3.75 27.29
N GLY A 228 31.48 2.61 27.66
CA GLY A 228 32.88 2.30 27.34
C GLY A 228 33.15 2.18 25.86
N ARG A 229 32.09 1.97 25.04
CA ARG A 229 32.17 1.82 23.59
C ARG A 229 32.24 3.15 22.81
N VAL A 230 31.89 4.30 23.45
CA VAL A 230 31.85 5.63 22.82
C VAL A 230 33.22 6.33 22.80
N ARG A 231 33.37 7.35 21.92
CA ARG A 231 34.59 8.16 21.83
C ARG A 231 34.71 9.07 23.07
N LYS A 232 35.94 9.54 23.42
CA LYS A 232 36.14 10.40 24.60
C LYS A 232 35.26 11.64 24.56
N GLY A 233 34.49 11.87 25.63
CA GLY A 233 33.62 13.03 25.74
C GLY A 233 32.29 13.00 25.00
N ALA A 234 31.94 11.87 24.36
CA ALA A 234 30.66 11.73 23.68
C ALA A 234 29.52 11.51 24.70
N VAL A 235 28.27 11.70 24.25
CA VAL A 235 27.05 11.52 25.06
C VAL A 235 26.26 10.33 24.48
N LEU A 236 25.98 9.33 25.31
CA LEU A 236 25.23 8.14 24.89
C LEU A 236 23.77 8.34 25.34
N VAL A 237 22.81 8.24 24.40
CA VAL A 237 21.38 8.50 24.65
C VAL A 237 20.57 7.24 24.38
N CYS A 238 19.61 6.93 25.26
CA CYS A 238 18.71 5.80 25.11
C CYS A 238 17.29 6.12 25.57
N ALA A 239 16.36 6.17 24.60
CA ALA A 239 14.94 6.37 24.82
C ALA A 239 14.31 4.98 25.09
N TRP A 240 13.48 4.88 26.13
CA TRP A 240 12.86 3.62 26.48
C TRP A 240 11.35 3.79 26.42
N ALA A 241 10.86 4.24 25.24
CA ALA A 241 9.45 4.46 24.96
C ALA A 241 8.76 5.30 26.06
N GLU A 242 7.63 4.81 26.59
CA GLU A 242 6.80 5.42 27.61
C GLU A 242 7.51 5.52 28.97
N GLU A 243 8.65 4.85 29.11
CA GLU A 243 9.42 4.95 30.35
C GLU A 243 10.33 6.21 30.37
N GLY A 244 10.33 6.98 29.30
CA GLY A 244 11.14 8.19 29.18
C GLY A 244 12.51 7.89 28.61
N ALA A 245 13.40 8.87 28.60
CA ALA A 245 14.71 8.67 28.02
C ALA A 245 15.81 9.01 28.99
N ASP A 246 17.00 8.43 28.77
CA ASP A 246 18.20 8.67 29.59
C ASP A 246 19.37 9.05 28.73
N ALA A 247 20.34 9.73 29.34
CA ALA A 247 21.56 10.17 28.66
C ALA A 247 22.71 10.08 29.66
N LEU A 248 23.90 9.74 29.16
CA LEU A 248 25.07 9.64 30.00
C LEU A 248 26.26 10.25 29.28
N GLY A 249 26.83 11.27 29.92
CA GLY A 249 27.96 12.03 29.39
C GLY A 249 29.28 11.68 30.08
N PRO A 250 30.36 12.38 29.68
CA PRO A 250 31.69 12.07 30.27
C PRO A 250 31.82 12.30 31.78
N ASP A 251 30.89 13.08 32.40
CA ASP A 251 30.89 13.36 33.85
C ASP A 251 30.39 12.19 34.70
N GLY A 252 29.94 11.13 34.03
CA GLY A 252 29.45 9.93 34.69
C GLY A 252 28.09 10.12 35.35
N LYS A 253 27.47 11.28 35.16
CA LYS A 253 26.17 11.55 35.73
C LYS A 253 25.03 11.20 34.77
N LEU A 254 24.24 10.21 35.19
CA LEU A 254 23.05 9.74 34.48
C LEU A 254 21.99 10.83 34.52
N LEU A 255 21.41 11.09 33.36
CA LEU A 255 20.35 12.06 33.19
C LEU A 255 19.09 11.34 32.75
N HIS A 256 17.92 11.79 33.24
CA HIS A 256 16.64 11.20 32.90
C HIS A 256 15.55 12.24 32.52
N SER A 257 14.58 11.84 31.71
CA SER A 257 13.39 12.63 31.41
C SER A 257 12.21 11.69 31.34
N ASP A 258 11.12 12.01 32.07
CA ASP A 258 9.90 11.23 31.93
C ASP A 258 9.37 11.51 30.55
N ALA A 259 8.51 10.58 30.06
CA ALA A 259 7.86 10.78 28.78
C ALA A 259 6.72 11.83 28.99
N PHE A 260 6.19 12.33 27.90
CA PHE A 260 5.04 13.24 27.92
C PHE A 260 3.92 12.48 27.17
N PRO A 261 3.35 11.40 27.73
CA PRO A 261 2.36 10.63 26.99
C PRO A 261 1.11 11.42 26.69
N PRO A 262 0.55 11.31 25.47
CA PRO A 262 -0.72 12.00 25.21
C PRO A 262 -1.87 11.24 25.92
N PRO A 263 -2.97 11.93 26.30
CA PRO A 263 -4.10 11.21 26.91
C PRO A 263 -4.58 10.02 26.08
N ARG A 264 -4.52 10.13 24.74
CA ARG A 264 -4.85 9.06 23.79
C ARG A 264 -3.73 9.01 22.73
N VAL A 265 -2.96 7.91 22.78
CA VAL A 265 -1.85 7.57 21.87
C VAL A 265 -2.54 6.98 20.61
N VAL A 266 -2.42 7.68 19.43
CA VAL A 266 -3.07 7.33 18.16
C VAL A 266 -2.09 6.93 17.02
N ASP A 267 -0.85 7.48 16.98
CA ASP A 267 0.14 7.10 15.96
C ASP A 267 1.56 7.21 16.50
N THR A 268 2.23 6.07 16.73
CA THR A 268 3.60 6.05 17.26
C THR A 268 4.64 5.90 16.15
N LEU A 269 4.21 5.86 14.85
CA LEU A 269 5.10 5.71 13.70
C LEU A 269 5.95 6.97 13.52
N GLY A 270 7.23 6.86 13.86
CA GLY A 270 8.18 7.98 13.76
C GLY A 270 8.44 8.76 15.03
N ALA A 271 7.96 8.25 16.19
CA ALA A 271 8.13 8.82 17.51
C ALA A 271 9.61 8.88 17.91
N GLY A 272 10.32 7.78 17.69
CA GLY A 272 11.76 7.69 17.97
C GLY A 272 12.54 8.65 17.09
N ASP A 273 12.11 8.86 15.85
CA ASP A 273 12.73 9.77 14.91
C ASP A 273 12.46 11.21 15.32
N THR A 274 11.28 11.46 15.91
CA THR A 274 10.87 12.77 16.45
C THR A 274 11.76 13.09 17.65
N PHE A 275 12.01 12.09 18.49
CA PHE A 275 12.89 12.18 19.66
C PHE A 275 14.32 12.55 19.21
N ASN A 276 14.90 11.77 18.30
CA ASN A 276 16.23 12.01 17.77
C ASN A 276 16.38 13.41 17.22
N ALA A 277 15.48 13.86 16.33
CA ALA A 277 15.55 15.19 15.70
C ALA A 277 15.39 16.32 16.69
N SER A 278 14.51 16.14 17.70
CA SER A 278 14.25 17.13 18.74
C SER A 278 15.44 17.27 19.68
N VAL A 279 16.11 16.14 20.01
CA VAL A 279 17.30 16.12 20.85
C VAL A 279 18.43 16.82 20.09
N ILE A 280 18.63 16.50 18.80
CA ILE A 280 19.64 17.11 17.91
C ILE A 280 19.39 18.62 17.82
N PHE A 281 18.12 19.02 17.62
CA PHE A 281 17.71 20.41 17.50
C PHE A 281 18.11 21.22 18.75
N SER A 282 17.64 20.76 19.91
CA SER A 282 17.91 21.39 21.20
C SER A 282 19.42 21.57 21.45
N LEU A 283 20.22 20.51 21.22
CA LEU A 283 21.67 20.60 21.41
C LEU A 283 22.29 21.55 20.40
N SER A 284 21.86 21.52 19.12
CA SER A 284 22.35 22.43 18.08
C SER A 284 22.11 23.90 18.49
N GLN A 285 21.03 24.17 19.26
CA GLN A 285 20.62 25.47 19.80
C GLN A 285 21.37 25.87 21.10
N GLY A 286 22.32 25.03 21.54
CA GLY A 286 23.13 25.23 22.74
C GLY A 286 22.49 24.85 24.06
N ARG A 287 21.35 24.15 24.06
CA ARG A 287 20.72 23.78 25.32
C ARG A 287 21.45 22.61 25.97
N SER A 288 21.29 22.43 27.30
CA SER A 288 21.94 21.34 28.04
C SER A 288 21.41 19.98 27.60
N VAL A 289 22.17 18.92 27.88
CA VAL A 289 21.73 17.56 27.56
C VAL A 289 20.42 17.26 28.32
N GLN A 290 20.28 17.76 29.57
CA GLN A 290 19.06 17.56 30.33
C GLN A 290 17.88 18.20 29.63
N GLU A 291 18.03 19.48 29.21
CA GLU A 291 17.00 20.25 28.50
C GLU A 291 16.59 19.52 27.22
N ALA A 292 17.59 19.03 26.45
CA ALA A 292 17.40 18.32 25.19
C ALA A 292 16.68 17.00 25.38
N LEU A 293 17.04 16.18 26.40
CA LEU A 293 16.38 14.89 26.69
C LEU A 293 14.87 15.14 26.88
N ARG A 294 14.57 16.08 27.76
CA ARG A 294 13.28 16.61 28.12
C ARG A 294 12.48 17.12 26.88
N PHE A 295 13.11 17.91 26.01
CA PHE A 295 12.47 18.41 24.76
C PHE A 295 12.18 17.26 23.79
N GLY A 296 13.12 16.33 23.66
CA GLY A 296 12.97 15.14 22.84
C GLY A 296 11.74 14.34 23.22
N CYS A 297 11.54 14.10 24.50
CA CYS A 297 10.37 13.39 25.01
C CYS A 297 9.09 14.21 24.81
N GLN A 298 9.19 15.55 24.94
CA GLN A 298 8.07 16.47 24.82
C GLN A 298 7.44 16.40 23.46
N VAL A 299 8.31 16.48 22.44
CA VAL A 299 7.90 16.46 21.03
C VAL A 299 7.47 15.05 20.63
N ALA A 300 8.25 13.98 20.98
CA ALA A 300 7.89 12.57 20.69
C ALA A 300 6.48 12.22 21.22
N GLY A 301 6.16 12.69 22.43
CA GLY A 301 4.89 12.50 23.08
C GLY A 301 3.75 13.24 22.41
N LYS A 302 3.99 14.49 21.94
CA LYS A 302 2.97 15.27 21.23
C LYS A 302 2.58 14.57 19.94
N LYS A 303 3.59 14.08 19.22
CA LYS A 303 3.45 13.40 17.96
C LYS A 303 2.60 12.12 18.15
N CYS A 304 2.74 11.42 19.30
CA CYS A 304 2.02 10.18 19.53
C CYS A 304 0.50 10.34 19.62
N GLY A 305 0.01 11.54 19.91
CA GLY A 305 -1.42 11.81 20.00
C GLY A 305 -1.96 12.41 18.72
N LEU A 306 -1.15 12.41 17.66
CA LEU A 306 -1.46 12.96 16.34
C LEU A 306 -1.22 11.91 15.25
N GLN A 307 -1.88 12.09 14.11
CA GLN A 307 -1.64 11.26 12.94
C GLN A 307 -0.62 12.03 12.07
N GLY A 308 0.54 11.41 11.86
CA GLY A 308 1.63 12.01 11.12
C GLY A 308 2.40 13.03 11.92
N PHE A 309 3.01 14.00 11.22
CA PHE A 309 3.91 14.99 11.81
C PHE A 309 3.32 16.40 11.87
N ASP A 310 2.25 16.68 11.13
CA ASP A 310 1.61 17.97 11.18
C ASP A 310 0.95 18.21 12.53
N GLY A 311 1.24 19.36 13.11
CA GLY A 311 0.70 19.72 14.41
C GLY A 311 1.61 19.51 15.60
N ILE A 312 2.81 18.87 15.41
CA ILE A 312 3.79 18.62 16.49
C ILE A 312 4.32 19.92 17.13
N VAL A 313 4.05 21.08 16.47
CA VAL A 313 4.46 22.43 16.91
C VAL A 313 3.33 23.45 16.72
N GLY B 13 -10.67 10.41 -27.78
CA GLY B 13 -10.88 10.32 -29.22
C GLY B 13 -12.11 9.50 -29.65
N LEU B 14 -12.40 9.46 -31.00
CA LEU B 14 -13.51 8.77 -31.67
C LEU B 14 -13.50 7.27 -31.42
N VAL B 15 -14.61 6.73 -30.92
CA VAL B 15 -14.78 5.30 -30.70
C VAL B 15 -15.97 4.93 -31.64
N PRO B 16 -15.78 3.97 -32.61
CA PRO B 16 -16.89 3.59 -33.50
C PRO B 16 -18.13 3.09 -32.73
N ARG B 17 -19.31 3.29 -33.30
CA ARG B 17 -20.60 2.94 -32.72
C ARG B 17 -20.74 1.44 -32.51
N GLY B 18 -21.24 1.07 -31.32
CA GLY B 18 -21.50 -0.29 -30.83
C GLY B 18 -20.31 -1.22 -30.94
N SER B 19 -19.13 -0.73 -30.49
CA SER B 19 -17.85 -1.39 -30.59
C SER B 19 -17.23 -1.85 -29.28
N GLN B 20 -17.55 -1.15 -28.19
CA GLN B 20 -16.93 -1.42 -26.90
C GLN B 20 -17.73 -2.28 -25.97
N ILE B 21 -17.01 -2.88 -25.00
CA ILE B 21 -17.56 -3.65 -23.90
C ILE B 21 -17.30 -2.83 -22.64
N LEU B 22 -18.36 -2.42 -21.96
CA LEU B 22 -18.25 -1.61 -20.76
C LEU B 22 -18.34 -2.47 -19.51
N CYS B 23 -17.39 -2.27 -18.58
CA CYS B 23 -17.41 -2.97 -17.29
C CYS B 23 -17.54 -1.93 -16.19
N VAL B 24 -18.63 -1.98 -15.42
CA VAL B 24 -18.94 -1.02 -14.33
C VAL B 24 -18.72 -1.76 -13.00
N GLY B 25 -17.93 -1.14 -12.15
CA GLY B 25 -17.61 -1.71 -10.86
C GLY B 25 -16.40 -1.11 -10.18
N LEU B 26 -15.64 -1.99 -9.48
CA LEU B 26 -14.52 -1.62 -8.63
C LEU B 26 -13.13 -1.81 -9.19
N VAL B 27 -12.30 -0.82 -8.93
CA VAL B 27 -10.85 -0.77 -9.14
C VAL B 27 -10.22 -0.51 -7.76
N VAL B 28 -9.10 -1.21 -7.46
CA VAL B 28 -8.40 -1.08 -6.16
C VAL B 28 -6.88 -1.34 -6.29
N LEU B 29 -6.06 -0.66 -5.49
CA LEU B 29 -4.62 -0.89 -5.49
C LEU B 29 -4.33 -1.90 -4.42
N ASP B 30 -4.04 -3.14 -4.85
CA ASP B 30 -3.70 -4.20 -3.92
C ASP B 30 -2.21 -4.21 -3.70
N VAL B 31 -1.78 -4.09 -2.42
CA VAL B 31 -0.38 -4.16 -2.08
C VAL B 31 -0.19 -5.50 -1.40
N ILE B 32 0.39 -6.49 -2.14
CA ILE B 32 0.66 -7.87 -1.71
C ILE B 32 2.14 -8.08 -1.25
N SER B 33 2.32 -8.47 0.03
CA SER B 33 3.62 -8.73 0.64
C SER B 33 3.72 -10.21 1.04
N LEU B 34 4.86 -10.83 0.75
CA LEU B 34 5.12 -12.23 1.09
C LEU B 34 6.08 -12.25 2.28
N VAL B 35 5.65 -12.89 3.38
CA VAL B 35 6.45 -12.95 4.62
C VAL B 35 6.82 -14.40 4.99
N ASP B 36 7.94 -14.63 5.71
CA ASP B 36 8.25 -16.01 6.11
C ASP B 36 7.45 -16.39 7.37
N LYS B 37 7.21 -15.39 8.24
CA LYS B 37 6.37 -15.51 9.43
C LYS B 37 5.55 -14.24 9.62
N TYR B 38 4.24 -14.40 9.94
CA TYR B 38 3.28 -13.33 10.17
C TYR B 38 3.82 -12.32 11.22
N PRO B 39 3.71 -10.99 11.00
CA PRO B 39 4.30 -10.06 11.98
C PRO B 39 3.48 -9.91 13.24
N LYS B 40 4.15 -9.83 14.37
CA LYS B 40 3.46 -9.60 15.61
C LYS B 40 3.30 -8.08 15.74
N GLU B 41 2.20 -7.61 16.34
CA GLU B 41 1.89 -6.18 16.52
C GLU B 41 3.08 -5.41 17.11
N ASP B 42 3.43 -4.28 16.47
CA ASP B 42 4.52 -3.33 16.77
C ASP B 42 5.89 -3.76 16.20
N SER B 43 5.99 -4.90 15.46
CA SER B 43 7.26 -5.31 14.86
C SER B 43 7.58 -4.55 13.55
N GLU B 44 8.87 -4.51 13.18
CA GLU B 44 9.41 -3.75 12.05
C GLU B 44 10.06 -4.70 11.03
N ILE B 45 9.42 -5.88 10.79
CA ILE B 45 9.85 -6.97 9.88
C ILE B 45 10.11 -6.54 8.39
N ARG B 46 10.80 -7.43 7.60
CA ARG B 46 11.16 -7.24 6.19
C ARG B 46 10.58 -8.38 5.34
N CYS B 47 9.78 -8.04 4.33
CA CYS B 47 9.14 -9.04 3.49
C CYS B 47 10.08 -9.64 2.45
N LEU B 48 9.75 -10.86 1.99
CA LEU B 48 10.46 -11.63 0.97
C LEU B 48 10.30 -10.94 -0.39
N SER B 49 9.04 -10.66 -0.80
CA SER B 49 8.71 -9.99 -2.05
C SER B 49 7.43 -9.14 -1.92
N GLN B 50 7.39 -7.98 -2.57
CA GLN B 50 6.22 -7.09 -2.51
C GLN B 50 5.79 -6.63 -3.89
N ARG B 51 4.52 -6.89 -4.23
CA ARG B 51 3.89 -6.51 -5.49
C ARG B 51 2.74 -5.53 -5.29
N TRP B 52 2.58 -4.57 -6.23
CA TRP B 52 1.47 -3.62 -6.32
C TRP B 52 0.70 -4.10 -7.55
N GLN B 53 -0.62 -4.29 -7.41
CA GLN B 53 -1.50 -4.78 -8.45
C GLN B 53 -2.80 -4.02 -8.51
N ARG B 54 -3.35 -3.91 -9.71
CA ARG B 54 -4.64 -3.35 -9.93
C ARG B 54 -5.62 -4.52 -9.85
N GLY B 55 -6.48 -4.47 -8.84
CA GLY B 55 -7.50 -5.47 -8.58
C GLY B 55 -8.87 -4.89 -8.82
N GLY B 56 -9.90 -5.62 -8.38
CA GLY B 56 -11.31 -5.30 -8.53
C GLY B 56 -11.88 -6.14 -9.64
N ASN B 57 -13.12 -6.64 -9.45
CA ASN B 57 -13.80 -7.50 -10.44
C ASN B 57 -14.01 -6.84 -11.82
N ALA B 58 -14.70 -5.67 -11.90
CA ALA B 58 -14.92 -5.04 -13.20
C ALA B 58 -13.59 -4.65 -13.86
N SER B 59 -12.60 -4.28 -13.01
CA SER B 59 -11.23 -3.94 -13.39
C SER B 59 -10.49 -5.17 -14.03
N ASN B 60 -10.54 -6.35 -13.39
CA ASN B 60 -9.85 -7.55 -13.87
C ASN B 60 -10.46 -8.09 -15.16
N SER B 61 -11.79 -8.01 -15.28
CA SER B 61 -12.56 -8.38 -16.49
C SER B 61 -12.16 -7.48 -17.67
N CYS B 62 -11.82 -6.21 -17.39
CA CYS B 62 -11.31 -5.30 -18.43
C CYS B 62 -9.98 -5.75 -18.96
N THR B 63 -9.02 -6.10 -18.07
CA THR B 63 -7.69 -6.59 -18.45
C THR B 63 -7.85 -7.77 -19.43
N VAL B 64 -8.66 -8.74 -19.06
CA VAL B 64 -8.91 -9.96 -19.84
C VAL B 64 -9.53 -9.65 -21.22
N LEU B 65 -10.55 -8.79 -21.29
CA LEU B 65 -11.19 -8.40 -22.55
C LEU B 65 -10.20 -7.75 -23.51
N SER B 66 -9.30 -6.91 -22.99
CA SER B 66 -8.27 -6.28 -23.82
C SER B 66 -7.34 -7.35 -24.38
N LEU B 67 -6.90 -8.29 -23.53
CA LEU B 67 -6.02 -9.39 -23.95
C LEU B 67 -6.69 -10.33 -24.94
N LEU B 68 -8.04 -10.49 -24.84
CA LEU B 68 -8.83 -11.30 -25.76
C LEU B 68 -9.06 -10.62 -27.12
N GLY B 69 -8.69 -9.36 -27.23
CA GLY B 69 -8.80 -8.57 -28.44
C GLY B 69 -10.04 -7.72 -28.56
N ALA B 70 -10.67 -7.43 -27.41
CA ALA B 70 -11.91 -6.66 -27.36
C ALA B 70 -11.69 -5.21 -26.98
N PRO B 71 -12.23 -4.27 -27.77
CA PRO B 71 -12.21 -2.86 -27.36
C PRO B 71 -13.08 -2.73 -26.10
N CYS B 72 -12.46 -2.35 -24.98
CA CYS B 72 -13.20 -2.22 -23.73
C CYS B 72 -12.93 -0.93 -22.98
N ALA B 73 -13.88 -0.60 -22.10
CA ALA B 73 -13.92 0.60 -21.29
C ALA B 73 -14.29 0.23 -19.86
N PHE B 74 -13.74 0.97 -18.88
CA PHE B 74 -14.02 0.78 -17.45
C PHE B 74 -14.79 1.97 -16.89
N MET B 75 -15.78 1.70 -16.02
CA MET B 75 -16.53 2.72 -15.29
C MET B 75 -16.55 2.40 -13.82
N GLY B 76 -15.91 3.25 -13.04
CA GLY B 76 -15.80 3.12 -11.61
C GLY B 76 -15.38 4.41 -10.97
N SER B 77 -15.45 4.49 -9.65
CA SER B 77 -15.07 5.71 -8.94
C SER B 77 -13.59 5.70 -8.64
N MET B 78 -12.99 6.88 -8.79
CA MET B 78 -11.57 7.13 -8.48
C MET B 78 -11.48 8.54 -7.95
N ALA B 79 -10.54 8.81 -7.04
CA ALA B 79 -10.30 10.20 -6.54
C ALA B 79 -8.95 10.64 -7.10
N PRO B 80 -8.80 11.91 -7.50
CA PRO B 80 -7.50 12.37 -8.01
C PRO B 80 -6.37 12.19 -6.98
N GLY B 81 -5.28 11.61 -7.43
CA GLY B 81 -4.15 11.36 -6.54
C GLY B 81 -3.19 10.33 -7.08
N HIS B 82 -2.19 10.04 -6.24
CA HIS B 82 -1.11 9.13 -6.61
CA HIS B 82 -1.09 9.09 -6.36
C HIS B 82 -1.53 7.66 -6.74
N VAL B 83 -2.56 7.17 -5.99
CA VAL B 83 -3.10 5.80 -6.12
C VAL B 83 -3.79 5.68 -7.49
N ALA B 84 -4.65 6.67 -7.83
CA ALA B 84 -5.36 6.76 -9.12
C ALA B 84 -4.37 6.76 -10.30
N ASP B 85 -3.28 7.52 -10.17
CA ASP B 85 -2.25 7.60 -11.20
C ASP B 85 -1.62 6.24 -11.49
N PHE B 86 -1.39 5.42 -10.41
CA PHE B 86 -0.84 4.08 -10.58
C PHE B 86 -1.83 3.20 -11.34
N LEU B 87 -3.11 3.22 -10.93
CA LEU B 87 -4.19 2.43 -11.49
C LEU B 87 -4.50 2.81 -12.94
N VAL B 88 -4.54 4.11 -13.24
CA VAL B 88 -4.78 4.65 -14.59
C VAL B 88 -3.65 4.22 -15.54
N ALA B 89 -2.40 4.28 -15.07
CA ALA B 89 -1.27 3.88 -15.86
C ALA B 89 -1.32 2.38 -16.19
N ASP B 90 -1.83 1.55 -15.23
CA ASP B 90 -1.99 0.10 -15.41
C ASP B 90 -3.11 -0.20 -16.41
N PHE B 91 -4.26 0.52 -16.26
CA PHE B 91 -5.40 0.41 -17.18
C PHE B 91 -4.91 0.68 -18.59
N ARG B 92 -4.17 1.77 -18.75
CA ARG B 92 -3.59 2.15 -20.02
C ARG B 92 -2.59 1.12 -20.53
N ARG B 93 -1.78 0.57 -19.65
CA ARG B 93 -0.78 -0.47 -19.94
C ARG B 93 -1.46 -1.74 -20.49
N ARG B 94 -2.73 -1.99 -20.09
CA ARG B 94 -3.55 -3.11 -20.57
C ARG B 94 -4.54 -2.60 -21.60
N GLY B 95 -4.31 -1.41 -22.15
CA GLY B 95 -5.15 -0.76 -23.17
C GLY B 95 -6.64 -0.69 -22.91
N VAL B 96 -7.04 -0.23 -21.70
CA VAL B 96 -8.44 -0.06 -21.25
C VAL B 96 -8.80 1.44 -21.33
N ASP B 97 -9.94 1.75 -21.98
CA ASP B 97 -10.46 3.10 -22.15
C ASP B 97 -10.95 3.47 -20.76
N VAL B 98 -10.44 4.57 -20.24
CA VAL B 98 -10.70 5.03 -18.89
C VAL B 98 -11.51 6.38 -18.86
N SER B 99 -12.04 6.78 -20.04
CA SER B 99 -12.77 8.01 -20.25
C SER B 99 -14.11 8.11 -19.52
N GLN B 100 -14.61 7.00 -19.00
CA GLN B 100 -15.90 6.91 -18.32
C GLN B 100 -15.81 6.97 -16.80
N VAL B 101 -14.58 6.96 -16.24
CA VAL B 101 -14.32 7.01 -14.80
C VAL B 101 -15.05 8.18 -14.11
N ALA B 102 -15.75 7.90 -13.00
CA ALA B 102 -16.45 8.90 -12.21
C ALA B 102 -15.50 9.41 -11.14
N TRP B 103 -14.81 10.54 -11.43
CA TRP B 103 -13.86 11.16 -10.52
C TRP B 103 -14.59 11.83 -9.34
N GLN B 104 -14.18 11.47 -8.11
CA GLN B 104 -14.77 11.97 -6.87
C GLN B 104 -13.97 13.11 -6.21
N SER B 105 -14.66 14.12 -5.66
CA SER B 105 -14.01 15.23 -4.98
C SER B 105 -13.63 14.82 -3.55
N LYS B 106 -14.47 13.97 -2.92
CA LYS B 106 -14.28 13.44 -1.56
C LYS B 106 -14.04 11.94 -1.57
N GLY B 107 -13.21 11.44 -0.66
CA GLY B 107 -12.94 10.01 -0.50
C GLY B 107 -11.58 9.57 -0.96
N ASP B 108 -11.22 8.32 -0.60
CA ASP B 108 -9.97 7.64 -0.94
C ASP B 108 -10.19 6.63 -2.04
N THR B 109 -9.30 6.66 -3.07
CA THR B 109 -9.26 5.65 -4.14
C THR B 109 -8.92 4.34 -3.39
N PRO B 110 -9.71 3.24 -3.54
CA PRO B 110 -9.45 2.04 -2.73
C PRO B 110 -8.07 1.47 -2.86
N SER B 111 -7.54 1.06 -1.72
CA SER B 111 -6.26 0.37 -1.59
C SER B 111 -6.44 -0.76 -0.55
N SER B 112 -6.05 -1.99 -0.87
CA SER B 112 -6.11 -3.12 0.06
C SER B 112 -4.69 -3.66 0.29
N CYS B 113 -4.40 -4.10 1.51
CA CYS B 113 -3.08 -4.60 1.88
C CYS B 113 -3.21 -6.09 2.23
N CYS B 114 -2.54 -6.94 1.46
N CYS B 114 -2.56 -6.95 1.45
CA CYS B 114 -2.55 -8.38 1.67
CA CYS B 114 -2.62 -8.41 1.60
C CYS B 114 -1.21 -8.85 2.20
C CYS B 114 -1.25 -8.97 2.07
N ILE B 115 -1.24 -9.77 3.17
CA ILE B 115 -0.03 -10.34 3.78
C ILE B 115 -0.12 -11.86 3.59
N ILE B 116 0.75 -12.41 2.74
CA ILE B 116 0.79 -13.86 2.47
C ILE B 116 1.95 -14.48 3.24
N ASN B 117 1.64 -15.42 4.14
CA ASN B 117 2.67 -16.12 4.91
C ASN B 117 3.15 -17.27 4.03
N ASN B 118 4.47 -17.34 3.80
CA ASN B 118 5.06 -18.38 2.97
C ASN B 118 5.18 -19.73 3.70
N SER B 119 5.26 -19.70 5.04
CA SER B 119 5.37 -20.92 5.84
C SER B 119 4.03 -21.71 5.98
N ASN B 120 2.88 -21.10 5.63
CA ASN B 120 1.58 -21.79 5.71
C ASN B 120 0.61 -21.45 4.56
N GLY B 121 0.94 -20.41 3.78
CA GLY B 121 0.16 -19.96 2.63
C GLY B 121 -1.06 -19.11 2.93
N ASN B 122 -1.36 -18.89 4.23
CA ASN B 122 -2.50 -18.11 4.72
C ASN B 122 -2.44 -16.64 4.32
N ARG B 123 -3.59 -16.10 3.86
CA ARG B 123 -3.75 -14.71 3.44
C ARG B 123 -4.46 -13.87 4.51
N THR B 124 -3.83 -12.73 4.91
CA THR B 124 -4.39 -11.75 5.85
C THR B 124 -4.63 -10.43 5.09
N ILE B 125 -5.91 -10.01 4.96
CA ILE B 125 -6.33 -8.84 4.19
C ILE B 125 -6.83 -7.68 5.04
N VAL B 126 -6.32 -6.48 4.76
CA VAL B 126 -6.78 -5.24 5.39
C VAL B 126 -7.46 -4.50 4.23
N LEU B 127 -8.80 -4.65 4.16
CA LEU B 127 -9.69 -4.11 3.13
C LEU B 127 -9.74 -2.61 3.15
N HIS B 128 -9.85 -2.00 1.97
CA HIS B 128 -9.99 -0.58 1.75
C HIS B 128 -11.15 0.01 2.55
N ASP B 129 -11.06 1.31 2.88
CA ASP B 129 -12.14 2.00 3.60
C ASP B 129 -13.34 2.25 2.64
N THR B 130 -14.47 2.60 3.23
CA THR B 130 -15.72 2.81 2.54
C THR B 130 -15.96 4.28 2.09
N SER B 131 -14.95 5.13 2.27
CA SER B 131 -15.00 6.57 2.01
C SER B 131 -15.36 7.03 0.59
N LEU B 132 -15.03 6.26 -0.44
CA LEU B 132 -15.28 6.71 -1.81
C LEU B 132 -16.71 6.37 -2.28
N PRO B 133 -17.52 7.37 -2.71
CA PRO B 133 -18.89 7.03 -3.17
C PRO B 133 -18.87 6.17 -4.42
N ASP B 134 -19.75 5.15 -4.48
CA ASP B 134 -19.88 4.26 -5.64
C ASP B 134 -20.45 5.07 -6.83
N VAL B 135 -20.44 4.50 -8.03
CA VAL B 135 -21.00 5.15 -9.23
C VAL B 135 -22.52 5.31 -9.06
N SER B 136 -23.06 6.55 -9.20
CA SER B 136 -24.49 6.79 -9.05
C SER B 136 -25.24 6.62 -10.36
N ALA B 137 -26.57 6.52 -10.30
CA ALA B 137 -27.42 6.40 -11.48
C ALA B 137 -27.40 7.70 -12.27
N THR B 138 -27.14 8.87 -11.61
CA THR B 138 -27.02 10.18 -12.26
C THR B 138 -25.68 10.25 -12.99
N ASP B 139 -24.64 9.59 -12.45
CA ASP B 139 -23.34 9.53 -13.10
C ASP B 139 -23.55 8.81 -14.45
N PHE B 140 -24.19 7.60 -14.41
CA PHE B 140 -24.50 6.74 -15.54
C PHE B 140 -25.42 7.38 -16.59
N GLU B 141 -26.36 8.21 -16.14
CA GLU B 141 -27.35 8.91 -16.94
C GLU B 141 -26.64 9.86 -17.93
N LYS B 142 -25.39 10.25 -17.64
CA LYS B 142 -24.57 11.15 -18.44
C LYS B 142 -23.75 10.44 -19.56
N VAL B 143 -23.71 9.09 -19.57
CA VAL B 143 -22.96 8.30 -20.54
C VAL B 143 -23.79 8.14 -21.84
N ASP B 144 -23.14 8.27 -23.01
CA ASP B 144 -23.76 8.06 -24.32
C ASP B 144 -23.42 6.60 -24.64
N LEU B 145 -24.47 5.78 -24.54
CA LEU B 145 -24.45 4.33 -24.68
C LEU B 145 -24.15 3.81 -26.09
N THR B 146 -24.36 4.63 -27.15
CA THR B 146 -24.14 4.20 -28.54
C THR B 146 -22.78 3.49 -28.85
N GLN B 147 -21.69 3.77 -28.09
CA GLN B 147 -20.40 3.13 -28.40
C GLN B 147 -20.27 1.71 -27.86
N PHE B 148 -21.22 1.29 -26.99
CA PHE B 148 -21.19 -0.02 -26.35
C PHE B 148 -22.06 -1.06 -27.02
N LYS B 149 -21.52 -2.26 -27.18
CA LYS B 149 -22.28 -3.39 -27.74
C LYS B 149 -22.80 -4.29 -26.61
N TRP B 150 -22.13 -4.21 -25.44
CA TRP B 150 -22.39 -4.99 -24.23
C TRP B 150 -22.03 -4.12 -23.02
N ILE B 151 -22.84 -4.24 -21.92
CA ILE B 151 -22.58 -3.56 -20.63
C ILE B 151 -22.66 -4.61 -19.52
N HIS B 152 -21.56 -4.78 -18.77
CA HIS B 152 -21.44 -5.67 -17.62
C HIS B 152 -21.35 -4.84 -16.33
N ILE B 153 -22.24 -5.14 -15.36
CA ILE B 153 -22.31 -4.47 -14.07
C ILE B 153 -22.00 -5.42 -12.92
N GLU B 154 -20.96 -5.11 -12.14
CA GLU B 154 -20.57 -5.83 -10.92
C GLU B 154 -21.52 -5.30 -9.82
N GLY B 155 -22.28 -6.21 -9.20
CA GLY B 155 -23.22 -5.85 -8.14
C GLY B 155 -22.53 -5.23 -6.94
N ARG B 156 -22.89 -3.99 -6.64
CA ARG B 156 -22.32 -3.23 -5.53
C ARG B 156 -23.44 -2.51 -4.83
N ASN B 157 -23.84 -1.34 -5.36
CA ASN B 157 -24.92 -0.46 -4.88
C ASN B 157 -26.17 -0.78 -5.70
N ALA B 158 -26.80 -1.90 -5.33
CA ALA B 158 -27.95 -2.47 -6.03
C ALA B 158 -29.07 -1.46 -6.37
N SER B 159 -29.55 -0.67 -5.42
CA SER B 159 -30.59 0.34 -5.66
C SER B 159 -30.27 1.32 -6.83
N GLU B 160 -29.02 1.80 -6.89
CA GLU B 160 -28.56 2.71 -7.93
C GLU B 160 -28.36 2.03 -9.27
N GLN B 161 -27.74 0.83 -9.24
CA GLN B 161 -27.47 0.01 -10.42
C GLN B 161 -28.73 -0.44 -11.14
N VAL B 162 -29.84 -0.64 -10.39
CA VAL B 162 -31.15 -1.02 -10.95
C VAL B 162 -31.67 0.11 -11.84
N LYS B 163 -31.42 1.36 -11.45
CA LYS B 163 -31.82 2.53 -12.24
C LYS B 163 -30.96 2.57 -13.53
N MET B 164 -29.64 2.20 -13.44
CA MET B 164 -28.74 2.14 -14.60
C MET B 164 -29.26 1.07 -15.58
N LEU B 165 -29.63 -0.13 -15.06
CA LEU B 165 -30.14 -1.24 -15.86
C LEU B 165 -31.44 -0.88 -16.56
N GLN B 166 -32.35 -0.17 -15.87
CA GLN B 166 -33.60 0.32 -16.45
C GLN B 166 -33.34 1.35 -17.58
N ARG B 167 -32.24 2.13 -17.49
CA ARG B 167 -31.85 3.14 -18.50
C ARG B 167 -31.48 2.42 -19.80
N ILE B 168 -30.70 1.30 -19.69
CA ILE B 168 -30.28 0.49 -20.82
C ILE B 168 -31.50 -0.20 -21.41
N ASP B 169 -32.44 -0.61 -20.56
CA ASP B 169 -33.68 -1.25 -21.01
C ASP B 169 -34.44 -0.29 -21.88
N ALA B 170 -34.59 0.97 -21.39
CA ALA B 170 -35.24 2.08 -22.08
C ALA B 170 -34.58 2.37 -23.42
N HIS B 171 -33.22 2.41 -23.45
CA HIS B 171 -32.45 2.67 -24.67
C HIS B 171 -32.80 1.67 -25.74
N ASN B 172 -32.75 0.37 -25.36
CA ASN B 172 -32.99 -0.80 -26.19
C ASN B 172 -34.39 -0.90 -26.77
N THR B 173 -35.44 -0.46 -26.03
CA THR B 173 -36.82 -0.49 -26.54
C THR B 173 -36.98 0.30 -27.85
N ARG B 174 -36.21 1.39 -28.01
CA ARG B 174 -36.30 2.18 -29.22
C ARG B 174 -35.18 1.79 -30.27
N GLN B 175 -34.47 0.67 -30.02
CA GLN B 175 -33.42 0.20 -30.94
C GLN B 175 -33.79 -1.03 -31.76
N PRO B 176 -33.38 -1.11 -33.06
CA PRO B 176 -33.62 -2.35 -33.84
C PRO B 176 -32.82 -3.53 -33.24
N PRO B 177 -33.28 -4.79 -33.36
CA PRO B 177 -32.55 -5.92 -32.73
C PRO B 177 -31.03 -5.98 -32.96
N GLU B 178 -30.56 -5.45 -34.10
CA GLU B 178 -29.13 -5.46 -34.42
C GLU B 178 -28.35 -4.42 -33.60
N GLN B 179 -29.02 -3.34 -33.15
CA GLN B 179 -28.40 -2.28 -32.36
C GLN B 179 -28.77 -2.35 -30.84
N LYS B 180 -29.19 -3.54 -30.36
CA LYS B 180 -29.53 -3.71 -28.95
C LYS B 180 -28.27 -4.00 -28.13
N ILE B 181 -28.09 -3.28 -27.00
CA ILE B 181 -26.94 -3.43 -26.09
C ILE B 181 -27.17 -4.63 -25.21
N ARG B 182 -26.29 -5.66 -25.27
CA ARG B 182 -26.42 -6.84 -24.42
C ARG B 182 -25.96 -6.49 -22.99
N VAL B 183 -26.59 -7.10 -21.97
CA VAL B 183 -26.30 -6.77 -20.58
C VAL B 183 -26.02 -8.00 -19.76
N SER B 184 -24.97 -7.95 -18.97
CA SER B 184 -24.65 -9.01 -18.00
C SER B 184 -24.56 -8.37 -16.61
N VAL B 185 -24.74 -9.19 -15.57
CA VAL B 185 -24.74 -8.78 -14.17
C VAL B 185 -23.98 -9.82 -13.35
N GLU B 186 -23.20 -9.38 -12.35
CA GLU B 186 -22.48 -10.28 -11.46
C GLU B 186 -22.92 -10.08 -9.99
N VAL B 187 -23.35 -11.17 -9.32
CA VAL B 187 -23.75 -11.21 -7.91
C VAL B 187 -22.68 -12.11 -7.24
N GLU B 188 -21.59 -11.50 -6.74
CA GLU B 188 -20.44 -12.19 -6.15
C GLU B 188 -20.38 -12.11 -4.61
N LYS B 189 -20.96 -11.07 -4.01
CA LYS B 189 -20.97 -10.93 -2.55
C LYS B 189 -22.33 -11.40 -2.01
N PRO B 190 -22.35 -12.18 -0.91
CA PRO B 190 -23.64 -12.67 -0.39
C PRO B 190 -24.37 -11.65 0.48
N ARG B 191 -24.89 -10.57 -0.14
CA ARG B 191 -25.62 -9.51 0.55
C ARG B 191 -27.01 -9.40 -0.08
N GLU B 192 -28.06 -9.49 0.77
CA GLU B 192 -29.49 -9.39 0.37
C GLU B 192 -29.81 -8.23 -0.62
N GLU B 193 -29.12 -7.07 -0.46
CA GLU B 193 -29.37 -5.93 -1.35
C GLU B 193 -29.18 -6.30 -2.82
N LEU B 194 -28.14 -7.08 -3.12
CA LEU B 194 -27.76 -7.50 -4.46
C LEU B 194 -28.69 -8.49 -5.15
N PHE B 195 -29.41 -9.31 -4.38
CA PHE B 195 -30.27 -10.37 -4.94
C PHE B 195 -31.42 -9.84 -5.80
N GLN B 196 -31.64 -8.51 -5.82
CA GLN B 196 -32.68 -7.92 -6.66
C GLN B 196 -32.20 -7.82 -8.11
N LEU B 197 -30.86 -7.86 -8.30
CA LEU B 197 -30.16 -7.76 -9.59
C LEU B 197 -30.31 -9.01 -10.42
N PHE B 198 -30.86 -10.09 -9.84
CA PHE B 198 -31.07 -11.33 -10.58
C PHE B 198 -32.10 -11.07 -11.71
N GLY B 199 -33.04 -10.15 -11.43
CA GLY B 199 -34.10 -9.73 -12.34
C GLY B 199 -33.71 -8.87 -13.53
N TYR B 200 -32.39 -8.53 -13.69
CA TYR B 200 -31.90 -7.69 -14.82
C TYR B 200 -30.80 -8.40 -15.60
N GLY B 201 -30.58 -7.97 -16.84
CA GLY B 201 -29.58 -8.54 -17.71
C GLY B 201 -29.99 -9.78 -18.49
N ASP B 202 -29.29 -10.00 -19.61
CA ASP B 202 -29.47 -11.13 -20.53
C ASP B 202 -28.66 -12.33 -20.01
N VAL B 203 -27.53 -12.06 -19.32
CA VAL B 203 -26.62 -13.03 -18.68
C VAL B 203 -26.43 -12.61 -17.21
N VAL B 204 -26.72 -13.53 -16.28
CA VAL B 204 -26.59 -13.32 -14.83
C VAL B 204 -25.55 -14.29 -14.28
N PHE B 205 -24.46 -13.77 -13.72
CA PHE B 205 -23.39 -14.63 -13.16
C PHE B 205 -23.53 -14.69 -11.64
N VAL B 206 -23.78 -15.92 -11.11
CA VAL B 206 -23.89 -16.13 -9.66
C VAL B 206 -22.66 -16.89 -9.15
N SER B 207 -22.06 -16.41 -8.04
CA SER B 207 -20.86 -17.06 -7.52
C SER B 207 -21.12 -18.27 -6.65
N LYS B 208 -20.09 -19.12 -6.50
CA LYS B 208 -20.07 -20.31 -5.65
C LYS B 208 -20.31 -19.89 -4.20
N ASP B 209 -19.72 -18.76 -3.78
CA ASP B 209 -19.84 -18.21 -2.43
C ASP B 209 -21.27 -17.75 -2.16
N VAL B 210 -21.89 -17.02 -3.12
CA VAL B 210 -23.28 -16.57 -3.02
C VAL B 210 -24.20 -17.79 -3.00
N ALA B 211 -23.96 -18.79 -3.89
CA ALA B 211 -24.75 -20.02 -3.97
C ALA B 211 -24.74 -20.82 -2.66
N LYS B 212 -23.53 -21.09 -2.12
CA LYS B 212 -23.35 -21.81 -0.86
C LYS B 212 -24.07 -21.08 0.31
N HIS B 213 -23.94 -19.75 0.38
N HIS B 213 -23.95 -19.74 0.38
CA HIS B 213 -24.59 -18.90 1.38
CA HIS B 213 -24.62 -18.88 1.37
C HIS B 213 -26.14 -18.97 1.33
C HIS B 213 -26.14 -19.08 1.34
N LEU B 214 -26.71 -19.27 0.14
CA LEU B 214 -28.16 -19.47 -0.05
C LEU B 214 -28.59 -20.93 0.19
N GLY B 215 -27.62 -21.77 0.58
CA GLY B 215 -27.83 -23.18 0.91
C GLY B 215 -27.68 -24.20 -0.21
N PHE B 216 -27.11 -23.80 -1.38
CA PHE B 216 -26.92 -24.70 -2.50
C PHE B 216 -25.55 -25.37 -2.41
N GLN B 217 -25.50 -26.69 -2.66
CA GLN B 217 -24.25 -27.45 -2.56
C GLN B 217 -23.58 -27.79 -3.92
N SER B 218 -24.18 -27.40 -5.04
CA SER B 218 -23.65 -27.60 -6.40
C SER B 218 -24.14 -26.50 -7.32
N ALA B 219 -23.47 -26.31 -8.48
CA ALA B 219 -23.87 -25.29 -9.47
C ALA B 219 -25.22 -25.71 -10.08
N GLU B 220 -25.52 -27.05 -10.12
CA GLU B 220 -26.81 -27.51 -10.62
C GLU B 220 -27.95 -27.11 -9.67
N GLU B 221 -27.76 -27.33 -8.37
CA GLU B 221 -28.69 -26.97 -7.31
C GLU B 221 -28.95 -25.44 -7.35
N ALA B 222 -27.90 -24.62 -7.52
CA ALA B 222 -28.02 -23.17 -7.57
C ALA B 222 -28.82 -22.69 -8.79
N LEU B 223 -28.49 -23.21 -10.00
CA LEU B 223 -29.17 -22.80 -11.22
C LEU B 223 -30.65 -23.21 -11.24
N ARG B 224 -30.97 -24.38 -10.68
CA ARG B 224 -32.35 -24.82 -10.62
C ARG B 224 -33.13 -24.06 -9.55
N GLY B 225 -32.44 -23.66 -8.49
CA GLY B 225 -33.02 -22.91 -7.37
C GLY B 225 -33.22 -21.43 -7.62
N LEU B 226 -32.30 -20.78 -8.35
CA LEU B 226 -32.36 -19.34 -8.61
C LEU B 226 -32.90 -18.91 -9.98
N TYR B 227 -33.14 -19.84 -10.96
CA TYR B 227 -33.62 -19.45 -12.30
C TYR B 227 -34.93 -18.66 -12.29
N GLY B 228 -35.80 -18.93 -11.32
CA GLY B 228 -37.06 -18.21 -11.17
C GLY B 228 -36.89 -16.73 -10.87
N ARG B 229 -35.70 -16.31 -10.40
CA ARG B 229 -35.38 -14.94 -10.03
C ARG B 229 -34.96 -14.06 -11.22
N VAL B 230 -34.63 -14.67 -12.39
CA VAL B 230 -34.15 -13.94 -13.60
C VAL B 230 -35.30 -13.43 -14.49
N ARG B 231 -35.04 -12.45 -15.38
N ARG B 231 -35.03 -12.44 -15.39
CA ARG B 231 -36.07 -11.96 -16.29
CA ARG B 231 -36.03 -11.92 -16.33
C ARG B 231 -36.26 -12.95 -17.46
C ARG B 231 -36.23 -12.90 -17.50
N LYS B 232 -37.43 -12.90 -18.13
CA LYS B 232 -37.78 -13.80 -19.27
C LYS B 232 -36.65 -13.89 -20.31
N GLY B 233 -36.24 -15.11 -20.61
CA GLY B 233 -35.20 -15.39 -21.60
C GLY B 233 -33.75 -15.13 -21.23
N ALA B 234 -33.46 -14.77 -19.95
CA ALA B 234 -32.08 -14.57 -19.50
C ALA B 234 -31.37 -15.93 -19.28
N VAL B 235 -30.03 -15.90 -19.20
CA VAL B 235 -29.18 -17.08 -18.97
C VAL B 235 -28.49 -16.90 -17.61
N LEU B 236 -28.67 -17.88 -16.71
CA LEU B 236 -28.06 -17.84 -15.37
C LEU B 236 -26.80 -18.73 -15.41
N VAL B 237 -25.65 -18.19 -15.02
CA VAL B 237 -24.34 -18.86 -15.10
C VAL B 237 -23.72 -19.00 -13.71
N CYS B 238 -23.13 -20.17 -13.42
CA CYS B 238 -22.45 -20.45 -12.14
C CYS B 238 -21.23 -21.33 -12.31
N ALA B 239 -20.04 -20.74 -12.06
CA ALA B 239 -18.74 -21.43 -12.06
C ALA B 239 -18.51 -22.00 -10.65
N TRP B 240 -18.12 -23.27 -10.58
CA TRP B 240 -17.90 -23.91 -9.28
C TRP B 240 -16.46 -24.38 -9.20
N ALA B 241 -15.52 -23.44 -9.39
CA ALA B 241 -14.08 -23.68 -9.36
C ALA B 241 -13.67 -24.87 -10.23
N GLU B 242 -12.92 -25.82 -9.64
CA GLU B 242 -12.38 -27.00 -10.29
C GLU B 242 -13.46 -28.00 -10.72
N GLU B 243 -14.69 -27.78 -10.27
CA GLU B 243 -15.80 -28.63 -10.68
C GLU B 243 -16.40 -28.21 -12.02
N GLY B 244 -15.88 -27.13 -12.62
CA GLY B 244 -16.33 -26.64 -13.90
C GLY B 244 -17.46 -25.64 -13.76
N ALA B 245 -18.09 -25.25 -14.87
CA ALA B 245 -19.16 -24.26 -14.80
C ALA B 245 -20.42 -24.76 -15.45
N ASP B 246 -21.55 -24.19 -15.04
CA ASP B 246 -22.87 -24.52 -15.57
C ASP B 246 -23.60 -23.28 -16.02
N ALA B 247 -24.57 -23.46 -16.91
CA ALA B 247 -25.43 -22.39 -17.41
C ALA B 247 -26.81 -22.93 -17.64
N LEU B 248 -27.82 -22.11 -17.38
CA LEU B 248 -29.20 -22.51 -17.58
C LEU B 248 -29.98 -21.40 -18.26
N GLY B 249 -30.52 -21.71 -19.43
CA GLY B 249 -31.27 -20.77 -20.26
C GLY B 249 -32.75 -21.01 -20.23
N PRO B 250 -33.53 -20.22 -21.03
CA PRO B 250 -34.99 -20.35 -21.03
C PRO B 250 -35.55 -21.70 -21.48
N ASP B 251 -34.74 -22.52 -22.21
CA ASP B 251 -35.11 -23.87 -22.71
C ASP B 251 -35.13 -24.92 -21.62
N GLY B 252 -34.71 -24.53 -20.41
CA GLY B 252 -34.69 -25.43 -19.26
C GLY B 252 -33.60 -26.48 -19.32
N LYS B 253 -32.72 -26.38 -20.33
CA LYS B 253 -31.63 -27.33 -20.49
C LYS B 253 -30.37 -26.87 -19.80
N LEU B 254 -29.96 -27.62 -18.78
CA LEU B 254 -28.74 -27.38 -18.03
C LEU B 254 -27.54 -27.69 -18.92
N LEU B 255 -26.61 -26.75 -18.97
CA LEU B 255 -25.40 -26.88 -19.75
C LEU B 255 -24.23 -26.96 -18.78
N HIS B 256 -23.25 -27.79 -19.10
CA HIS B 256 -22.05 -27.96 -18.28
C HIS B 256 -20.73 -27.91 -19.08
N SER B 257 -19.64 -27.47 -18.42
CA SER B 257 -18.30 -27.56 -18.95
C SER B 257 -17.35 -27.98 -17.83
N ASP B 258 -16.53 -29.02 -18.05
CA ASP B 258 -15.53 -29.38 -17.08
C ASP B 258 -14.53 -28.25 -17.04
N ALA B 259 -13.75 -28.17 -15.96
CA ALA B 259 -12.67 -27.19 -15.82
C ALA B 259 -11.50 -27.73 -16.66
N PHE B 260 -10.56 -26.84 -17.02
CA PHE B 260 -9.33 -27.16 -17.73
C PHE B 260 -8.17 -26.83 -16.76
N PRO B 261 -7.96 -27.66 -15.72
CA PRO B 261 -6.89 -27.37 -14.75
C PRO B 261 -5.49 -27.34 -15.36
N PRO B 262 -4.66 -26.38 -14.91
CA PRO B 262 -3.29 -26.35 -15.42
C PRO B 262 -2.42 -27.46 -14.86
N PRO B 263 -1.30 -27.80 -15.56
CA PRO B 263 -0.36 -28.82 -15.04
C PRO B 263 0.06 -28.56 -13.58
N ARG B 264 0.26 -27.28 -13.21
CA ARG B 264 0.53 -26.82 -11.84
C ARG B 264 -0.23 -25.48 -11.62
N VAL B 265 -0.92 -25.34 -10.45
CA VAL B 265 -1.66 -24.11 -10.11
C VAL B 265 -0.76 -23.06 -9.41
N VAL B 266 -0.52 -21.94 -10.11
CA VAL B 266 0.33 -20.83 -9.68
C VAL B 266 -0.44 -19.74 -8.96
N ASP B 267 -1.52 -19.25 -9.58
CA ASP B 267 -2.26 -18.09 -9.11
C ASP B 267 -3.72 -18.13 -9.55
N THR B 268 -4.64 -18.25 -8.59
CA THR B 268 -6.07 -18.32 -8.88
C THR B 268 -6.76 -16.98 -8.69
N LEU B 269 -6.02 -15.99 -8.26
CA LEU B 269 -6.52 -14.66 -8.02
C LEU B 269 -6.91 -13.98 -9.38
N GLY B 270 -8.23 -13.80 -9.59
CA GLY B 270 -8.84 -13.23 -10.80
C GLY B 270 -9.35 -14.25 -11.82
N ALA B 271 -9.36 -15.56 -11.46
CA ALA B 271 -9.83 -16.69 -12.28
C ALA B 271 -11.32 -16.56 -12.61
N GLY B 272 -12.12 -16.22 -11.62
CA GLY B 272 -13.55 -15.98 -11.80
C GLY B 272 -13.81 -14.81 -12.70
N ASP B 273 -12.97 -13.77 -12.59
CA ASP B 273 -13.08 -12.57 -13.44
C ASP B 273 -12.68 -12.89 -14.86
N THR B 274 -11.72 -13.82 -15.03
CA THR B 274 -11.24 -14.31 -16.34
C THR B 274 -12.39 -15.10 -17.01
N PHE B 275 -13.09 -15.92 -16.20
CA PHE B 275 -14.23 -16.71 -16.62
C PHE B 275 -15.36 -15.79 -17.12
N ASN B 276 -15.76 -14.82 -16.29
CA ASN B 276 -16.79 -13.84 -16.65
C ASN B 276 -16.49 -13.12 -17.94
N ALA B 277 -15.29 -12.54 -18.08
CA ALA B 277 -14.89 -11.79 -19.28
C ALA B 277 -14.84 -12.66 -20.53
N SER B 278 -14.37 -13.93 -20.38
CA SER B 278 -14.26 -14.89 -21.50
C SER B 278 -15.63 -15.34 -21.96
N VAL B 279 -16.57 -15.56 -21.01
CA VAL B 279 -17.94 -15.95 -21.33
C VAL B 279 -18.63 -14.80 -22.05
N ILE B 280 -18.49 -13.54 -21.54
CA ILE B 280 -19.02 -12.29 -22.16
C ILE B 280 -18.46 -12.14 -23.57
N PHE B 281 -17.14 -12.35 -23.73
CA PHE B 281 -16.46 -12.24 -25.00
C PHE B 281 -17.04 -13.17 -26.06
N SER B 282 -17.07 -14.45 -25.74
CA SER B 282 -17.58 -15.49 -26.61
C SER B 282 -19.03 -15.19 -27.07
N LEU B 283 -19.92 -14.83 -26.13
CA LEU B 283 -21.29 -14.52 -26.47
C LEU B 283 -21.36 -13.25 -27.34
N SER B 284 -20.55 -12.21 -27.01
CA SER B 284 -20.50 -10.97 -27.79
C SER B 284 -20.11 -11.28 -29.26
N GLN B 285 -19.30 -12.32 -29.48
CA GLN B 285 -18.83 -12.79 -30.77
C GLN B 285 -19.85 -13.72 -31.52
N GLY B 286 -21.03 -13.90 -30.93
CA GLY B 286 -22.10 -14.74 -31.46
C GLY B 286 -22.01 -16.23 -31.21
N ARG B 287 -21.11 -16.68 -30.33
CA ARG B 287 -21.01 -18.11 -30.06
C ARG B 287 -22.16 -18.59 -29.14
N SER B 288 -22.44 -19.90 -29.13
CA SER B 288 -23.49 -20.48 -28.30
C SER B 288 -23.12 -20.42 -26.82
N VAL B 289 -24.12 -20.55 -25.93
CA VAL B 289 -23.88 -20.58 -24.49
C VAL B 289 -22.95 -21.75 -24.14
N GLN B 290 -23.13 -22.91 -24.81
CA GLN B 290 -22.28 -24.05 -24.58
C GLN B 290 -20.82 -23.75 -24.94
N GLU B 291 -20.59 -23.16 -26.13
CA GLU B 291 -19.28 -22.75 -26.61
C GLU B 291 -18.62 -21.78 -25.65
N ALA B 292 -19.40 -20.78 -25.16
CA ALA B 292 -18.96 -19.74 -24.23
C ALA B 292 -18.59 -20.30 -22.86
N LEU B 293 -19.37 -21.27 -22.30
CA LEU B 293 -19.08 -21.93 -21.01
C LEU B 293 -17.70 -22.58 -21.09
N ARG B 294 -17.50 -23.33 -22.18
CA ARG B 294 -16.27 -24.05 -22.49
C ARG B 294 -15.08 -23.08 -22.59
N PHE B 295 -15.24 -22.02 -23.41
CA PHE B 295 -14.22 -20.98 -23.57
C PHE B 295 -13.86 -20.31 -22.22
N GLY B 296 -14.88 -19.95 -21.42
CA GLY B 296 -14.73 -19.37 -20.09
C GLY B 296 -13.86 -20.23 -19.20
N CYS B 297 -14.14 -21.58 -19.19
CA CYS B 297 -13.40 -22.61 -18.45
C CYS B 297 -11.97 -22.80 -18.94
N GLN B 298 -11.75 -22.75 -20.28
CA GLN B 298 -10.42 -22.88 -20.89
C GLN B 298 -9.54 -21.72 -20.46
N VAL B 299 -9.98 -20.46 -20.66
CA VAL B 299 -9.21 -19.27 -20.32
C VAL B 299 -8.97 -19.18 -18.81
N ALA B 300 -10.03 -19.39 -17.99
CA ALA B 300 -9.88 -19.38 -16.53
C ALA B 300 -8.84 -20.41 -16.03
N GLY B 301 -8.79 -21.60 -16.65
CA GLY B 301 -7.83 -22.66 -16.34
C GLY B 301 -6.42 -22.31 -16.76
N LYS B 302 -6.25 -21.66 -17.93
CA LYS B 302 -4.93 -21.23 -18.41
C LYS B 302 -4.31 -20.22 -17.46
N LYS B 303 -5.13 -19.27 -17.01
CA LYS B 303 -4.74 -18.21 -16.10
C LYS B 303 -4.26 -18.79 -14.78
N CYS B 304 -4.87 -19.89 -14.31
CA CYS B 304 -4.51 -20.49 -13.02
C CYS B 304 -3.06 -21.03 -12.96
N GLY B 305 -2.47 -21.33 -14.11
CA GLY B 305 -1.10 -21.81 -14.17
C GLY B 305 -0.08 -20.72 -14.42
N LEU B 306 -0.55 -19.47 -14.37
CA LEU B 306 0.16 -18.24 -14.67
C LEU B 306 0.12 -17.24 -13.53
N GLN B 307 1.22 -16.48 -13.37
CA GLN B 307 1.23 -15.38 -12.40
C GLN B 307 0.69 -14.14 -13.17
N GLY B 308 -0.45 -13.64 -12.69
CA GLY B 308 -1.17 -12.54 -13.32
C GLY B 308 -1.91 -12.94 -14.58
N PHE B 309 -2.06 -11.95 -15.51
CA PHE B 309 -2.81 -12.09 -16.76
C PHE B 309 -1.94 -12.15 -18.02
N ASP B 310 -0.65 -11.90 -17.87
CA ASP B 310 0.29 -11.85 -18.97
C ASP B 310 0.08 -12.86 -20.12
N GLY B 311 0.15 -14.17 -19.88
CA GLY B 311 0.08 -15.06 -21.04
C GLY B 311 -1.15 -15.90 -21.29
N ILE B 312 -2.33 -15.40 -20.91
CA ILE B 312 -3.63 -16.12 -20.99
C ILE B 312 -4.09 -16.40 -22.44
N VAL B 313 -3.44 -15.77 -23.44
CA VAL B 313 -3.71 -15.91 -24.88
C VAL B 313 -2.43 -16.05 -25.72
#